data_4MAN
#
_entry.id   4MAN
#
_cell.length_a   71.375
_cell.length_b   71.375
_cell.length_c   101.492
_cell.angle_alpha   90.00
_cell.angle_beta   90.00
_cell.angle_gamma   90.00
#
_symmetry.space_group_name_H-M   'P 43'
#
loop_
_entity.id
_entity.type
_entity.pdbx_description
1 polymer 'Apoptosis regulator Bcl-2'
2 non-polymer "4-[4-({4'-chloro-3-[2-(dimethylamino)ethoxy]biphenyl-2-yl}methyl)piperazin-1-yl]-2-(1H-indol-5-yloxy)-N-({3-nitro-4-[(tetrahydro-2H-pyran-4-ylmethyl)amino]phenyl}sulfonyl)benzamide"
3 water water
#
_entity_poly.entity_id   1
_entity_poly.type   'polypeptide(L)'
_entity_poly.pdbx_seq_one_letter_code
;MAHAGRTGYDNREIVMKYIHYKLSQRGYEWDAGDDVEENRTEAPEGTESEVVHLTLRQAGDDFSRRYRRDFAEMSSQLHL
TPFTARGRFATVVEELFRDGVNWGRIVAFFEFGGVMCVESVNREMSPLVDNIALWMTEYLNRHLHTWIQDNGGWDAFVEL
YGPSMR
;
_entity_poly.pdbx_strand_id   A,B
#
loop_
_chem_comp.id
_chem_comp.type
_chem_comp.name
_chem_comp.formula
1Y1 non-polymer 4-[4-({4'-chloro-3-[2-(dimethylamino)ethoxy]biphenyl-2-yl}methyl)piperazin-1-yl]-2-(1H-indol-5-yloxy)-N-({3-nitro-4-[(tetrahydro-2H-pyran-4-ylmethyl)amino]phenyl}sulfonyl)benzamide 'C48 H52 Cl N7 O8 S'
#
# COMPACT_ATOMS: atom_id res chain seq x y z
N GLY A 8 -8.01 22.09 -12.46
CA GLY A 8 -7.74 20.73 -12.02
C GLY A 8 -6.74 20.67 -10.89
N TYR A 9 -7.25 20.61 -9.65
CA TYR A 9 -6.48 20.61 -8.41
C TYR A 9 -5.63 19.32 -8.17
N ASP A 10 -5.93 18.63 -7.06
CA ASP A 10 -5.27 17.43 -6.55
C ASP A 10 -5.71 16.16 -7.28
N ASN A 11 -4.71 15.33 -7.64
CA ASN A 11 -4.91 14.05 -8.33
C ASN A 11 -5.65 13.05 -7.46
N ARG A 12 -5.37 13.02 -6.14
CA ARG A 12 -6.05 12.15 -5.17
C ARG A 12 -7.54 12.39 -5.17
N GLU A 13 -7.96 13.67 -5.10
CA GLU A 13 -9.35 14.12 -5.13
C GLU A 13 -10.02 13.72 -6.45
N ILE A 14 -9.30 13.90 -7.60
CA ILE A 14 -9.85 13.54 -8.93
C ILE A 14 -10.12 12.02 -8.92
N VAL A 15 -9.16 11.23 -8.46
CA VAL A 15 -9.28 9.77 -8.37
C VAL A 15 -10.47 9.37 -7.48
N MET A 16 -10.54 9.93 -6.24
CA MET A 16 -11.58 9.58 -5.26
C MET A 16 -12.99 9.91 -5.77
N LYS A 17 -13.17 11.12 -6.32
CA LYS A 17 -14.47 11.53 -6.84
C LYS A 17 -14.89 10.65 -8.00
N TYR A 18 -13.92 10.25 -8.83
CA TYR A 18 -14.19 9.38 -9.99
C TYR A 18 -14.64 8.00 -9.53
N ILE A 19 -13.86 7.36 -8.67
CA ILE A 19 -14.18 6.03 -8.15
C ILE A 19 -15.57 6.00 -7.46
N HIS A 20 -15.85 7.00 -6.61
CA HIS A 20 -17.13 7.09 -5.90
C HIS A 20 -18.30 7.06 -6.89
N TYR A 21 -18.19 7.81 -8.00
CA TYR A 21 -19.21 7.86 -9.06
C TYR A 21 -19.38 6.52 -9.76
N LYS A 22 -18.28 5.89 -10.18
CA LYS A 22 -18.34 4.60 -10.84
C LYS A 22 -18.97 3.55 -9.93
N LEU A 23 -18.59 3.56 -8.65
CA LEU A 23 -19.14 2.59 -7.69
C LEU A 23 -20.64 2.82 -7.47
N SER A 24 -21.07 4.11 -7.32
CA SER A 24 -22.50 4.41 -7.11
C SER A 24 -23.37 3.98 -8.26
N GLN A 25 -22.88 4.12 -9.52
CA GLN A 25 -23.54 3.68 -10.74
C GLN A 25 -23.84 2.18 -10.69
N ARG A 26 -23.01 1.44 -9.94
CA ARG A 26 -23.17 -0.01 -9.85
C ARG A 26 -23.83 -0.48 -8.54
N GLY A 27 -24.35 0.47 -7.76
CA GLY A 27 -25.07 0.22 -6.51
C GLY A 27 -24.26 0.13 -5.24
N TYR A 28 -23.06 0.72 -5.23
CA TYR A 28 -22.20 0.70 -4.05
C TYR A 28 -21.90 2.10 -3.54
N GLU A 29 -22.10 2.30 -2.22
CA GLU A 29 -21.91 3.50 -1.39
C GLU A 29 -22.98 4.57 -1.58
N GLU A 50 -17.20 20.72 -9.32
CA GLU A 50 -16.14 21.22 -10.19
C GLU A 50 -16.28 20.63 -11.60
N VAL A 51 -16.02 21.47 -12.60
CA VAL A 51 -16.13 21.19 -14.01
C VAL A 51 -15.17 20.03 -14.46
N VAL A 52 -13.96 19.93 -13.88
CA VAL A 52 -12.99 18.85 -14.19
C VAL A 52 -13.64 17.48 -13.86
N HIS A 53 -14.19 17.35 -12.62
CA HIS A 53 -14.84 16.10 -12.19
C HIS A 53 -15.99 15.72 -13.08
N LEU A 54 -16.82 16.70 -13.44
CA LEU A 54 -17.95 16.47 -14.30
C LEU A 54 -17.54 16.10 -15.75
N THR A 55 -16.52 16.79 -16.29
CA THR A 55 -16.03 16.55 -17.66
C THR A 55 -15.42 15.15 -17.75
N LEU A 56 -14.58 14.77 -16.77
CA LEU A 56 -13.97 13.43 -16.71
C LEU A 56 -15.03 12.32 -16.64
N ARG A 57 -16.07 12.50 -15.81
CA ARG A 57 -17.22 11.58 -15.64
C ARG A 57 -17.90 11.36 -16.98
N GLN A 58 -18.25 12.47 -17.65
CA GLN A 58 -18.93 12.45 -18.94
C GLN A 58 -18.05 11.82 -19.98
N ALA A 59 -16.74 12.12 -19.99
CA ALA A 59 -15.79 11.55 -20.97
C ALA A 59 -15.68 10.03 -20.76
N GLY A 60 -15.55 9.60 -19.50
CA GLY A 60 -15.47 8.16 -19.16
C GLY A 60 -16.69 7.36 -19.57
N ASP A 61 -17.88 7.95 -19.39
CA ASP A 61 -19.14 7.30 -19.80
C ASP A 61 -19.21 7.24 -21.33
N ASP A 62 -18.76 8.32 -22.02
CA ASP A 62 -18.70 8.33 -23.49
C ASP A 62 -17.74 7.23 -24.00
N PHE A 63 -16.52 7.15 -23.41
CA PHE A 63 -15.50 6.17 -23.80
C PHE A 63 -16.06 4.73 -23.72
N SER A 64 -16.67 4.38 -22.59
CA SER A 64 -17.20 3.03 -22.33
C SER A 64 -18.32 2.66 -23.30
N ARG A 65 -19.07 3.64 -23.77
CA ARG A 65 -20.13 3.44 -24.76
C ARG A 65 -19.54 3.25 -26.17
N ARG A 66 -18.55 4.07 -26.57
CA ARG A 66 -17.94 4.01 -27.93
C ARG A 66 -17.11 2.73 -28.11
N TYR A 67 -16.19 2.44 -27.15
CA TYR A 67 -15.36 1.24 -27.20
C TYR A 67 -16.06 0.14 -26.38
N ARG A 68 -17.27 -0.26 -26.80
CA ARG A 68 -18.07 -1.21 -26.02
C ARG A 68 -17.47 -2.62 -25.92
N ARG A 69 -16.94 -3.17 -27.01
CA ARG A 69 -16.32 -4.48 -26.94
C ARG A 69 -15.07 -4.48 -26.04
N ASP A 70 -14.20 -3.45 -26.18
CA ASP A 70 -13.00 -3.32 -25.32
C ASP A 70 -13.42 -3.21 -23.86
N PHE A 71 -14.45 -2.44 -23.58
CA PHE A 71 -14.97 -2.28 -22.23
C PHE A 71 -15.44 -3.63 -21.61
N ALA A 72 -16.25 -4.41 -22.36
CA ALA A 72 -16.80 -5.74 -21.97
C ALA A 72 -15.68 -6.75 -21.84
N GLU A 73 -14.73 -6.75 -22.78
CA GLU A 73 -13.60 -7.67 -22.69
C GLU A 73 -12.77 -7.40 -21.43
N MET A 74 -12.49 -6.13 -21.09
CA MET A 74 -11.72 -5.77 -19.90
C MET A 74 -12.42 -6.20 -18.62
N SER A 75 -13.72 -5.91 -18.52
CA SER A 75 -14.59 -6.24 -17.39
C SER A 75 -14.61 -7.77 -17.06
N SER A 76 -14.41 -8.63 -18.04
CA SER A 76 -14.45 -10.09 -17.83
C SER A 76 -13.06 -10.76 -17.90
N GLN A 77 -12.00 -9.96 -18.03
CA GLN A 77 -10.64 -10.45 -18.16
C GLN A 77 -9.70 -9.97 -17.03
N LEU A 78 -10.27 -9.59 -15.87
CA LEU A 78 -9.46 -9.15 -14.73
C LEU A 78 -9.07 -10.35 -13.85
N HIS A 79 -10.04 -11.25 -13.52
CA HIS A 79 -9.87 -12.44 -12.66
C HIS A 79 -9.20 -12.04 -11.35
N LEU A 80 -9.70 -10.95 -10.76
CA LEU A 80 -9.13 -10.36 -9.55
C LEU A 80 -9.12 -11.33 -8.38
N THR A 81 -7.98 -11.41 -7.68
CA THR A 81 -7.83 -12.16 -6.43
C THR A 81 -7.04 -11.26 -5.51
N PRO A 82 -7.05 -11.46 -4.18
CA PRO A 82 -6.33 -10.54 -3.31
C PRO A 82 -4.87 -10.26 -3.69
N PHE A 83 -4.14 -11.29 -4.19
CA PHE A 83 -2.73 -11.09 -4.52
C PHE A 83 -2.39 -10.99 -6.04
N THR A 84 -3.41 -10.79 -6.91
CA THR A 84 -3.15 -10.58 -8.35
C THR A 84 -3.62 -9.19 -8.83
N ALA A 85 -4.45 -8.48 -8.04
CA ALA A 85 -4.97 -7.15 -8.37
C ALA A 85 -3.86 -6.16 -8.68
N ARG A 86 -2.78 -6.10 -7.86
CA ARG A 86 -1.64 -5.21 -8.13
C ARG A 86 -1.00 -5.50 -9.52
N GLY A 87 -0.78 -6.78 -9.81
CA GLY A 87 -0.18 -7.25 -11.06
C GLY A 87 -1.10 -7.00 -12.25
N ARG A 88 -2.40 -7.26 -12.06
CA ARG A 88 -3.42 -6.98 -13.08
C ARG A 88 -3.41 -5.50 -13.45
N PHE A 89 -3.35 -4.59 -12.44
CA PHE A 89 -3.33 -3.14 -12.64
C PHE A 89 -2.09 -2.73 -13.42
N ALA A 90 -0.90 -3.20 -12.96
CA ALA A 90 0.40 -2.91 -13.56
C ALA A 90 0.48 -3.34 -15.04
N THR A 91 0.07 -4.58 -15.39
CA THR A 91 0.12 -5.07 -16.78
C THR A 91 -0.76 -4.24 -17.75
N VAL A 92 -1.97 -3.87 -17.31
CA VAL A 92 -2.87 -3.10 -18.15
C VAL A 92 -2.41 -1.67 -18.36
N VAL A 93 -2.01 -1.02 -17.27
CA VAL A 93 -1.61 0.38 -17.33
C VAL A 93 -0.31 0.52 -18.18
N GLU A 94 0.58 -0.50 -18.14
CA GLU A 94 1.79 -0.51 -18.96
C GLU A 94 1.43 -0.59 -20.45
N GLU A 95 0.50 -1.47 -20.85
CA GLU A 95 0.10 -1.58 -22.25
C GLU A 95 -0.62 -0.31 -22.73
N LEU A 96 -1.47 0.28 -21.85
CA LEU A 96 -2.26 1.47 -22.19
C LEU A 96 -1.43 2.67 -22.62
N PHE A 97 -0.37 2.91 -21.86
CA PHE A 97 0.51 4.04 -22.12
C PHE A 97 1.83 3.69 -22.80
N ARG A 98 1.99 2.46 -23.31
CA ARG A 98 3.25 2.00 -23.94
C ARG A 98 3.82 2.97 -25.00
N ASP A 99 2.94 3.49 -25.87
CA ASP A 99 3.29 4.42 -26.96
C ASP A 99 3.22 5.87 -26.57
N GLY A 100 2.86 6.17 -25.32
CA GLY A 100 2.77 7.56 -24.89
C GLY A 100 1.44 7.95 -24.26
N VAL A 101 1.32 9.23 -23.95
CA VAL A 101 0.17 9.80 -23.27
C VAL A 101 -0.63 10.73 -24.18
N ASN A 102 -1.95 10.75 -24.00
CA ASN A 102 -2.92 11.63 -24.66
C ASN A 102 -4.19 11.64 -23.76
N TRP A 103 -5.14 12.58 -23.99
CA TRP A 103 -6.32 12.70 -23.16
C TRP A 103 -7.22 11.47 -23.15
N GLY A 104 -7.41 10.83 -24.31
CA GLY A 104 -8.20 9.62 -24.45
C GLY A 104 -7.66 8.46 -23.65
N ARG A 105 -6.34 8.26 -23.65
CA ARG A 105 -5.71 7.20 -22.86
C ARG A 105 -5.86 7.43 -21.34
N ILE A 106 -5.78 8.70 -20.89
CA ILE A 106 -5.98 9.09 -19.49
C ILE A 106 -7.43 8.79 -19.12
N VAL A 107 -8.39 9.10 -20.02
CA VAL A 107 -9.81 8.77 -19.81
C VAL A 107 -9.95 7.23 -19.66
N ALA A 108 -9.32 6.46 -20.55
CA ALA A 108 -9.34 4.97 -20.53
C ALA A 108 -8.71 4.42 -19.22
N PHE A 109 -7.70 5.11 -18.71
CA PHE A 109 -7.06 4.77 -17.43
C PHE A 109 -8.03 4.93 -16.24
N PHE A 110 -8.82 6.02 -16.19
CA PHE A 110 -9.83 6.21 -15.13
C PHE A 110 -10.92 5.15 -15.27
N GLU A 111 -11.37 4.88 -16.51
CA GLU A 111 -12.39 3.85 -16.78
C GLU A 111 -11.92 2.45 -16.35
N PHE A 112 -10.64 2.16 -16.59
CA PHE A 112 -10.01 0.91 -16.20
C PHE A 112 -10.00 0.79 -14.67
N GLY A 113 -9.60 1.87 -13.98
CA GLY A 113 -9.63 1.96 -12.52
C GLY A 113 -11.02 1.70 -11.97
N GLY A 114 -12.03 2.27 -12.61
CA GLY A 114 -13.44 2.08 -12.27
C GLY A 114 -13.86 0.63 -12.35
N VAL A 115 -13.52 -0.05 -13.45
CA VAL A 115 -13.84 -1.46 -13.70
C VAL A 115 -13.20 -2.35 -12.61
N MET A 116 -11.94 -2.04 -12.26
CA MET A 116 -11.19 -2.74 -11.22
C MET A 116 -11.87 -2.58 -9.86
N CYS A 117 -12.31 -1.36 -9.54
CA CYS A 117 -13.00 -1.07 -8.27
C CYS A 117 -14.33 -1.76 -8.17
N VAL A 118 -15.12 -1.70 -9.25
CA VAL A 118 -16.43 -2.35 -9.30
C VAL A 118 -16.27 -3.88 -9.12
N GLU A 119 -15.33 -4.50 -9.88
CA GLU A 119 -15.08 -5.94 -9.71
C GLU A 119 -14.61 -6.27 -8.27
N SER A 120 -13.74 -5.42 -7.67
CA SER A 120 -13.25 -5.68 -6.32
C SER A 120 -14.40 -5.69 -5.33
N VAL A 121 -15.30 -4.68 -5.41
CA VAL A 121 -16.46 -4.64 -4.51
C VAL A 121 -17.39 -5.84 -4.80
N ASN A 122 -17.64 -6.17 -6.08
CA ASN A 122 -18.47 -7.32 -6.43
C ASN A 122 -17.94 -8.69 -5.90
N ARG A 123 -16.62 -8.83 -5.79
CA ARG A 123 -15.95 -10.05 -5.34
C ARG A 123 -15.66 -10.09 -3.85
N GLU A 124 -16.28 -9.16 -3.05
CA GLU A 124 -16.12 -9.06 -1.58
C GLU A 124 -14.67 -8.77 -1.23
N MET A 125 -14.04 -7.94 -2.09
CA MET A 125 -12.67 -7.50 -1.90
C MET A 125 -12.65 -5.97 -1.92
N SER A 126 -13.64 -5.33 -1.23
CA SER A 126 -13.74 -3.87 -1.17
C SER A 126 -12.51 -3.14 -0.63
N PRO A 127 -11.61 -3.67 0.26
CA PRO A 127 -10.43 -2.89 0.64
C PRO A 127 -9.49 -2.65 -0.57
N LEU A 128 -9.61 -3.47 -1.65
CA LEU A 128 -8.80 -3.24 -2.87
C LEU A 128 -9.12 -1.90 -3.49
N VAL A 129 -10.32 -1.34 -3.25
CA VAL A 129 -10.71 -0.03 -3.78
C VAL A 129 -9.70 1.03 -3.31
N ASP A 130 -9.34 0.99 -2.02
CA ASP A 130 -8.37 1.91 -1.44
C ASP A 130 -6.98 1.70 -2.01
N ASN A 131 -6.61 0.44 -2.31
CA ASN A 131 -5.31 0.13 -2.93
C ASN A 131 -5.31 0.67 -4.37
N ILE A 132 -6.40 0.40 -5.13
CA ILE A 132 -6.56 0.87 -6.52
C ILE A 132 -6.51 2.38 -6.57
N ALA A 133 -7.24 3.07 -5.66
CA ALA A 133 -7.23 4.52 -5.62
C ALA A 133 -5.80 5.03 -5.41
N LEU A 134 -5.01 4.35 -4.58
CA LEU A 134 -3.61 4.71 -4.34
C LEU A 134 -2.77 4.46 -5.57
N TRP A 135 -2.93 3.31 -6.24
CA TRP A 135 -2.12 2.99 -7.43
C TRP A 135 -2.43 3.98 -8.56
N MET A 136 -3.71 4.44 -8.66
CA MET A 136 -4.09 5.41 -9.68
C MET A 136 -3.46 6.78 -9.37
N THR A 137 -3.59 7.28 -8.12
CA THR A 137 -3.02 8.54 -7.66
C THR A 137 -1.47 8.56 -7.88
N GLU A 138 -0.79 7.48 -7.49
CA GLU A 138 0.67 7.32 -7.66
C GLU A 138 1.04 7.33 -9.13
N TYR A 139 0.24 6.64 -10.00
CA TYR A 139 0.52 6.64 -11.43
C TYR A 139 0.38 8.03 -12.01
N LEU A 140 -0.64 8.77 -11.56
CA LEU A 140 -0.87 10.13 -12.02
C LEU A 140 0.28 11.07 -11.62
N ASN A 141 0.59 11.14 -10.31
CA ASN A 141 1.65 11.99 -9.73
C ASN A 141 3.03 11.71 -10.31
N ARG A 142 3.39 10.45 -10.54
CA ARG A 142 4.70 10.04 -11.00
C ARG A 142 4.88 9.84 -12.53
N HIS A 143 3.86 9.33 -13.26
CA HIS A 143 4.05 9.00 -14.67
C HIS A 143 3.20 9.83 -15.66
N LEU A 144 2.14 10.50 -15.21
CA LEU A 144 1.27 11.28 -16.09
C LEU A 144 1.37 12.78 -15.88
N HIS A 145 1.86 13.19 -14.70
CA HIS A 145 1.98 14.56 -14.26
C HIS A 145 2.72 15.48 -15.26
N THR A 146 3.89 15.05 -15.76
CA THR A 146 4.70 15.82 -16.69
C THR A 146 3.89 16.12 -17.96
N TRP A 147 3.33 15.06 -18.60
CA TRP A 147 2.51 15.19 -19.81
C TRP A 147 1.39 16.14 -19.57
N ILE A 148 0.60 15.93 -18.49
CA ILE A 148 -0.55 16.77 -18.15
C ILE A 148 -0.13 18.25 -18.04
N GLN A 149 0.96 18.51 -17.31
CA GLN A 149 1.48 19.86 -17.10
C GLN A 149 1.92 20.51 -18.41
N ASP A 150 2.66 19.76 -19.23
CA ASP A 150 3.15 20.20 -20.54
C ASP A 150 2.04 20.46 -21.56
N ASN A 151 0.79 20.00 -21.28
CA ASN A 151 -0.33 20.13 -22.21
C ASN A 151 -1.46 20.98 -21.68
N GLY A 152 -1.13 21.92 -20.80
CA GLY A 152 -2.10 22.86 -20.26
C GLY A 152 -2.92 22.39 -19.08
N GLY A 153 -2.54 21.25 -18.48
CA GLY A 153 -3.21 20.68 -17.31
C GLY A 153 -4.66 20.31 -17.52
N TRP A 154 -5.38 19.98 -16.42
CA TRP A 154 -6.80 19.63 -16.49
C TRP A 154 -7.67 20.76 -17.06
N ASP A 155 -7.22 22.03 -16.97
CA ASP A 155 -7.98 23.15 -17.55
C ASP A 155 -8.10 23.02 -19.07
N ALA A 156 -7.04 22.57 -19.74
CA ALA A 156 -7.00 22.32 -21.19
C ALA A 156 -7.91 21.13 -21.53
N PHE A 157 -7.95 20.08 -20.66
CA PHE A 157 -8.86 18.95 -20.85
C PHE A 157 -10.29 19.49 -20.84
N VAL A 158 -10.60 20.38 -19.89
CA VAL A 158 -11.93 21.02 -19.82
C VAL A 158 -12.13 21.97 -21.03
N GLU A 159 -11.10 22.76 -21.43
CA GLU A 159 -11.25 23.67 -22.61
C GLU A 159 -11.65 22.84 -23.85
N LEU A 160 -10.96 21.69 -24.05
CA LEU A 160 -11.20 20.77 -25.16
C LEU A 160 -12.51 20.00 -25.06
N TYR A 161 -12.77 19.34 -23.91
CA TYR A 161 -13.89 18.40 -23.84
C TYR A 161 -15.06 18.79 -22.95
N GLY A 162 -14.93 19.90 -22.21
CA GLY A 162 -15.98 20.36 -21.30
C GLY A 162 -17.00 21.29 -21.95
N PRO A 163 -17.91 21.89 -21.13
CA PRO A 163 -18.93 22.80 -21.68
C PRO A 163 -18.35 24.11 -22.21
N GLY B 8 23.00 5.22 13.42
CA GLY B 8 22.06 4.38 12.68
C GLY B 8 22.13 4.59 11.19
N TYR B 9 20.93 4.69 10.54
CA TYR B 9 20.77 4.93 9.10
C TYR B 9 19.29 5.12 8.69
N ASP B 10 18.91 4.53 7.54
CA ASP B 10 17.57 4.58 6.94
C ASP B 10 16.68 3.50 7.56
N ASN B 11 15.43 3.88 7.90
CA ASN B 11 14.43 3.04 8.53
C ASN B 11 13.98 1.89 7.64
N ARG B 12 13.83 2.15 6.32
CA ARG B 12 13.44 1.13 5.33
C ARG B 12 14.44 -0.01 5.31
N GLU B 13 15.75 0.32 5.28
CA GLU B 13 16.85 -0.63 5.29
C GLU B 13 16.86 -1.44 6.59
N ILE B 14 16.62 -0.77 7.75
CA ILE B 14 16.58 -1.43 9.06
C ILE B 14 15.44 -2.47 9.04
N VAL B 15 14.27 -2.06 8.57
CA VAL B 15 13.09 -2.93 8.46
C VAL B 15 13.39 -4.13 7.55
N MET B 16 13.92 -3.86 6.32
CA MET B 16 14.18 -4.92 5.32
C MET B 16 15.18 -5.96 5.82
N LYS B 17 16.30 -5.49 6.39
CA LYS B 17 17.33 -6.38 6.90
C LYS B 17 16.80 -7.23 8.04
N TYR B 18 15.93 -6.63 8.88
CA TYR B 18 15.33 -7.33 10.01
C TYR B 18 14.39 -8.44 9.52
N ILE B 19 13.44 -8.09 8.65
CA ILE B 19 12.48 -9.06 8.11
C ILE B 19 13.19 -10.23 7.40
N HIS B 20 14.21 -9.94 6.57
CA HIS B 20 14.96 -10.95 5.84
C HIS B 20 15.54 -11.99 6.81
N TYR B 21 16.10 -11.52 7.95
CA TYR B 21 16.67 -12.39 8.99
C TYR B 21 15.61 -13.25 9.67
N LYS B 22 14.50 -12.65 10.09
CA LYS B 22 13.43 -13.39 10.73
C LYS B 22 12.86 -14.46 9.79
N LEU B 23 12.69 -14.10 8.51
CA LEU B 23 12.16 -15.06 7.53
C LEU B 23 13.16 -16.23 7.29
N SER B 24 14.48 -15.90 7.16
CA SER B 24 15.50 -16.94 6.95
C SER B 24 15.58 -17.94 8.06
N GLN B 25 15.43 -17.48 9.33
CA GLN B 25 15.40 -18.29 10.54
C GLN B 25 14.28 -19.34 10.46
N ARG B 26 13.21 -19.02 9.71
CA ARG B 26 12.07 -19.91 9.59
C ARG B 26 12.04 -20.70 8.27
N GLY B 27 13.12 -20.62 7.49
CA GLY B 27 13.30 -21.33 6.23
C GLY B 27 12.80 -20.66 4.97
N TYR B 28 12.67 -19.34 4.98
CA TYR B 28 12.22 -18.59 3.82
C TYR B 28 13.25 -17.58 3.34
N GLU B 29 13.54 -17.63 2.02
CA GLU B 29 14.47 -16.82 1.21
C GLU B 29 15.93 -17.19 1.42
N GLU B 50 26.64 -3.93 9.54
CA GLU B 50 26.45 -2.77 10.40
C GLU B 50 26.02 -3.21 11.80
N VAL B 51 26.57 -2.54 12.82
CA VAL B 51 26.36 -2.82 14.23
C VAL B 51 24.87 -2.64 14.65
N VAL B 52 24.14 -1.66 14.08
CA VAL B 52 22.72 -1.41 14.36
C VAL B 52 21.89 -2.67 14.00
N HIS B 53 22.04 -3.18 12.76
CA HIS B 53 21.27 -4.36 12.31
C HIS B 53 21.56 -5.57 13.19
N LEU B 54 22.82 -5.76 13.54
CA LEU B 54 23.21 -6.88 14.38
C LEU B 54 22.74 -6.74 15.83
N THR B 55 22.76 -5.51 16.39
CA THR B 55 22.31 -5.26 17.77
C THR B 55 20.80 -5.47 17.85
N LEU B 56 20.05 -4.97 16.85
CA LEU B 56 18.59 -5.16 16.79
C LEU B 56 18.21 -6.64 16.71
N ARG B 57 18.90 -7.42 15.86
CA ARG B 57 18.73 -8.88 15.66
C ARG B 57 18.88 -9.60 16.99
N GLN B 58 20.01 -9.33 17.67
CA GLN B 58 20.32 -9.94 18.95
C GLN B 58 19.30 -9.55 19.98
N ALA B 59 18.90 -8.26 20.02
CA ALA B 59 17.91 -7.77 20.99
C ALA B 59 16.55 -8.47 20.77
N GLY B 60 16.13 -8.57 19.51
CA GLY B 60 14.87 -9.24 19.14
C GLY B 60 14.83 -10.71 19.53
N ASP B 61 15.95 -11.43 19.34
CA ASP B 61 16.05 -12.83 19.73
C ASP B 61 16.02 -12.94 21.26
N ASP B 62 16.70 -12.02 21.97
CA ASP B 62 16.67 -11.99 23.44
C ASP B 62 15.22 -11.73 23.94
N PHE B 63 14.52 -10.74 23.35
CA PHE B 63 13.14 -10.39 23.75
C PHE B 63 12.22 -11.62 23.64
N SER B 64 12.25 -12.32 22.48
CA SER B 64 11.39 -13.45 22.20
C SER B 64 11.64 -14.62 23.15
N ARG B 65 12.87 -14.76 23.64
CA ARG B 65 13.24 -15.79 24.61
C ARG B 65 12.76 -15.41 26.02
N ARG B 66 12.93 -14.14 26.45
CA ARG B 66 12.56 -13.68 27.81
C ARG B 66 11.02 -13.65 27.97
N TYR B 67 10.31 -13.00 27.03
CA TYR B 67 8.85 -12.92 27.06
C TYR B 67 8.28 -14.07 26.21
N ARG B 68 8.57 -15.33 26.61
CA ARG B 68 8.20 -16.50 25.80
C ARG B 68 6.69 -16.73 25.68
N ARG B 69 5.93 -16.58 26.77
CA ARG B 69 4.49 -16.75 26.67
C ARG B 69 3.85 -15.67 25.80
N ASP B 70 4.26 -14.38 25.97
CA ASP B 70 3.75 -13.28 25.11
C ASP B 70 4.08 -13.54 23.65
N PHE B 71 5.30 -14.01 23.37
CA PHE B 71 5.70 -14.35 22.02
C PHE B 71 4.80 -15.45 21.37
N ALA B 72 4.56 -16.56 22.10
CA ALA B 72 3.73 -17.71 21.67
C ALA B 72 2.27 -17.29 21.54
N GLU B 73 1.77 -16.50 22.48
CA GLU B 73 0.39 -16.02 22.39
C GLU B 73 0.18 -15.15 21.15
N MET B 74 1.12 -14.24 20.84
CA MET B 74 1.04 -13.38 19.66
C MET B 74 1.06 -14.17 18.36
N SER B 75 1.98 -15.13 18.26
CA SER B 75 2.17 -16.02 17.11
C SER B 75 0.88 -16.83 16.76
N SER B 76 0.04 -17.15 17.72
CA SER B 76 -1.17 -17.93 17.48
C SER B 76 -2.48 -17.10 17.56
N GLN B 77 -2.36 -15.78 17.72
CA GLN B 77 -3.50 -14.89 17.86
C GLN B 77 -3.58 -13.82 16.74
N LEU B 78 -2.94 -14.09 15.57
CA LEU B 78 -2.97 -13.15 14.45
C LEU B 78 -4.20 -13.42 13.54
N HIS B 79 -4.44 -14.72 13.20
CA HIS B 79 -5.54 -15.17 12.32
C HIS B 79 -5.54 -14.36 11.02
N LEU B 80 -4.35 -14.22 10.44
CA LEU B 80 -4.13 -13.41 9.25
C LEU B 80 -4.95 -13.88 8.05
N THR B 81 -5.60 -12.93 7.37
CA THR B 81 -6.32 -13.17 6.12
C THR B 81 -5.95 -12.02 5.23
N PRO B 82 -6.11 -12.10 3.90
CA PRO B 82 -5.67 -10.99 3.05
C PRO B 82 -6.22 -9.61 3.45
N PHE B 83 -7.48 -9.53 3.94
CA PHE B 83 -8.06 -8.23 4.27
C PHE B 83 -8.18 -7.93 5.80
N THR B 84 -7.48 -8.70 6.67
CA THR B 84 -7.45 -8.39 8.11
C THR B 84 -6.02 -8.07 8.61
N ALA B 85 -4.97 -8.39 7.83
CA ALA B 85 -3.58 -8.14 8.18
C ALA B 85 -3.32 -6.68 8.52
N ARG B 86 -3.82 -5.72 7.71
CA ARG B 86 -3.66 -4.29 8.00
C ARG B 86 -4.27 -3.92 9.39
N GLY B 87 -5.48 -4.39 9.65
CA GLY B 87 -6.21 -4.15 10.90
C GLY B 87 -5.53 -4.81 12.09
N ARG B 88 -5.05 -6.02 11.87
CA ARG B 88 -4.31 -6.76 12.89
C ARG B 88 -3.04 -6.02 13.30
N PHE B 89 -2.29 -5.49 12.30
CA PHE B 89 -1.06 -4.72 12.54
C PHE B 89 -1.38 -3.47 13.34
N ALA B 90 -2.40 -2.69 12.87
CA ALA B 90 -2.83 -1.44 13.50
C ALA B 90 -3.26 -1.63 14.98
N THR B 91 -4.09 -2.64 15.30
CA THR B 91 -4.57 -2.88 16.68
C THR B 91 -3.40 -3.21 17.64
N VAL B 92 -2.45 -4.04 17.21
CA VAL B 92 -1.34 -4.42 18.05
C VAL B 92 -0.36 -3.28 18.28
N VAL B 93 0.01 -2.57 17.21
CA VAL B 93 0.97 -1.50 17.31
C VAL B 93 0.40 -0.34 18.18
N GLU B 94 -0.93 -0.13 18.13
CA GLU B 94 -1.60 0.88 18.96
C GLU B 94 -1.49 0.50 20.44
N GLU B 95 -1.77 -0.75 20.80
CA GLU B 95 -1.68 -1.22 22.19
C GLU B 95 -0.22 -1.16 22.69
N LEU B 96 0.76 -1.57 21.84
CA LEU B 96 2.18 -1.58 22.19
C LEU B 96 2.77 -0.24 22.64
N PHE B 97 2.42 0.80 21.90
CA PHE B 97 2.93 2.14 22.19
C PHE B 97 1.92 3.08 22.88
N ARG B 98 0.78 2.57 23.36
CA ARG B 98 -0.28 3.37 24.00
C ARG B 98 0.25 4.34 25.09
N ASP B 99 1.14 3.84 25.96
CA ASP B 99 1.72 4.61 27.07
C ASP B 99 3.01 5.32 26.70
N GLY B 100 3.47 5.20 25.46
CA GLY B 100 4.71 5.84 25.06
C GLY B 100 5.75 4.94 24.43
N VAL B 101 6.91 5.51 24.13
CA VAL B 101 8.01 4.86 23.45
C VAL B 101 9.21 4.66 24.38
N ASN B 102 9.91 3.54 24.18
CA ASN B 102 11.16 3.16 24.84
C ASN B 102 11.84 2.11 23.94
N TRP B 103 13.14 1.77 24.17
CA TRP B 103 13.88 0.85 23.32
C TRP B 103 13.30 -0.56 23.27
N GLY B 104 12.84 -1.07 24.41
CA GLY B 104 12.23 -2.39 24.53
C GLY B 104 10.97 -2.52 23.70
N ARG B 105 10.10 -1.50 23.73
CA ARG B 105 8.87 -1.50 22.92
C ARG B 105 9.17 -1.48 21.41
N ILE B 106 10.21 -0.75 21.00
CA ILE B 106 10.66 -0.68 19.60
C ILE B 106 11.19 -2.07 19.20
N VAL B 107 11.94 -2.74 20.10
CA VAL B 107 12.40 -4.12 19.87
C VAL B 107 11.16 -5.04 19.69
N ALA B 108 10.16 -4.94 20.57
CA ALA B 108 8.92 -5.75 20.50
C ALA B 108 8.13 -5.46 19.19
N PHE B 109 8.19 -4.23 18.71
CA PHE B 109 7.58 -3.83 17.43
C PHE B 109 8.24 -4.55 16.24
N PHE B 110 9.59 -4.66 16.21
CA PHE B 110 10.29 -5.39 15.15
C PHE B 110 9.95 -6.89 15.25
N GLU B 111 9.94 -7.42 16.48
CA GLU B 111 9.60 -8.84 16.72
C GLU B 111 8.18 -9.17 16.26
N PHE B 112 7.26 -8.23 16.52
CA PHE B 112 5.85 -8.35 16.11
C PHE B 112 5.77 -8.37 14.58
N GLY B 113 6.48 -7.46 13.92
CA GLY B 113 6.59 -7.42 12.45
C GLY B 113 7.10 -8.72 11.88
N GLY B 114 8.11 -9.29 12.53
CA GLY B 114 8.70 -10.57 12.17
C GLY B 114 7.68 -11.71 12.22
N VAL B 115 6.92 -11.80 13.30
CA VAL B 115 5.89 -12.81 13.53
C VAL B 115 4.82 -12.72 12.42
N MET B 116 4.40 -11.49 12.10
CA MET B 116 3.43 -11.17 11.05
C MET B 116 3.94 -11.65 9.68
N CYS B 117 5.22 -11.37 9.38
CA CYS B 117 5.84 -11.78 8.11
C CYS B 117 5.95 -13.27 7.98
N VAL B 118 6.40 -13.93 9.05
CA VAL B 118 6.54 -15.40 9.07
C VAL B 118 5.15 -16.07 8.87
N GLU B 119 4.13 -15.61 9.62
CA GLU B 119 2.77 -16.15 9.44
C GLU B 119 2.27 -15.89 8.00
N SER B 120 2.53 -14.68 7.43
CA SER B 120 2.06 -14.37 6.08
C SER B 120 2.67 -15.35 5.07
N VAL B 121 3.99 -15.58 5.15
CA VAL B 121 4.65 -16.53 4.25
C VAL B 121 4.11 -17.96 4.50
N ASN B 122 3.96 -18.37 5.77
CA ASN B 122 3.41 -19.69 6.09
C ASN B 122 1.97 -19.94 5.53
N ARG B 123 1.16 -18.88 5.44
CA ARG B 123 -0.23 -18.94 4.97
C ARG B 123 -0.40 -18.70 3.48
N GLU B 124 0.72 -18.71 2.70
CA GLU B 124 0.74 -18.51 1.24
C GLU B 124 0.24 -17.11 0.90
N MET B 125 0.58 -16.15 1.78
CA MET B 125 0.25 -14.75 1.62
C MET B 125 1.55 -13.94 1.67
N SER B 126 2.60 -14.43 0.99
CA SER B 126 3.91 -13.75 0.95
C SER B 126 3.88 -12.31 0.44
N PRO B 127 2.97 -11.80 -0.45
CA PRO B 127 3.01 -10.37 -0.79
C PRO B 127 2.72 -9.48 0.42
N LEU B 128 2.08 -10.03 1.48
CA LEU B 128 1.83 -9.25 2.71
C LEU B 128 3.13 -8.83 3.37
N VAL B 129 4.25 -9.55 3.11
CA VAL B 129 5.57 -9.21 3.66
C VAL B 129 5.93 -7.79 3.24
N ASP B 130 5.72 -7.47 1.94
CA ASP B 130 6.01 -6.15 1.39
C ASP B 130 5.08 -5.10 1.97
N ASN B 131 3.81 -5.45 2.25
CA ASN B 131 2.86 -4.51 2.87
C ASN B 131 3.30 -4.26 4.32
N ILE B 132 3.63 -5.33 5.07
CA ILE B 132 4.11 -5.26 6.48
C ILE B 132 5.37 -4.43 6.54
N ALA B 133 6.35 -4.66 5.64
CA ALA B 133 7.58 -3.89 5.62
C ALA B 133 7.26 -2.39 5.45
N LEU B 134 6.27 -2.07 4.60
CA LEU B 134 5.86 -0.69 4.38
C LEU B 134 5.18 -0.11 5.63
N TRP B 135 4.28 -0.87 6.27
CA TRP B 135 3.57 -0.38 7.47
C TRP B 135 4.56 -0.15 8.61
N MET B 136 5.61 -0.99 8.70
CA MET B 136 6.65 -0.83 9.74
C MET B 136 7.48 0.43 9.45
N THR B 137 7.97 0.60 8.21
CA THR B 137 8.75 1.77 7.79
C THR B 137 7.97 3.08 8.03
N GLU B 138 6.69 3.11 7.62
CA GLU B 138 5.79 4.26 7.79
C GLU B 138 5.58 4.56 9.29
N TYR B 139 5.41 3.50 10.12
CA TYR B 139 5.25 3.71 11.56
C TYR B 139 6.51 4.30 12.16
N LEU B 140 7.67 3.83 11.72
CA LEU B 140 8.94 4.34 12.20
C LEU B 140 9.14 5.82 11.82
N ASN B 141 9.05 6.14 10.51
CA ASN B 141 9.22 7.50 9.98
C ASN B 141 8.26 8.54 10.56
N ARG B 142 7.00 8.15 10.78
CA ARG B 142 5.95 9.05 11.24
C ARG B 142 5.67 9.08 12.77
N HIS B 143 5.77 7.93 13.47
CA HIS B 143 5.38 7.89 14.89
C HIS B 143 6.51 7.58 15.89
N LEU B 144 7.65 7.04 15.42
CA LEU B 144 8.76 6.70 16.31
C LEU B 144 9.98 7.56 16.13
N HIS B 145 10.09 8.22 14.97
CA HIS B 145 11.21 9.05 14.56
C HIS B 145 11.58 10.13 15.58
N THR B 146 10.60 10.90 16.07
CA THR B 146 10.83 11.99 17.03
C THR B 146 11.50 11.42 18.29
N TRP B 147 10.88 10.39 18.91
CA TRP B 147 11.41 9.74 20.11
C TRP B 147 12.82 9.27 19.88
N ILE B 148 13.04 8.51 18.79
CA ILE B 148 14.37 7.98 18.46
C ILE B 148 15.41 9.12 18.37
N GLN B 149 15.07 10.19 17.65
CA GLN B 149 15.96 11.35 17.47
C GLN B 149 16.26 12.04 18.79
N ASP B 150 15.23 12.26 19.62
CA ASP B 150 15.34 12.88 20.93
C ASP B 150 16.13 12.06 21.95
N ASN B 151 16.41 10.77 21.65
CA ASN B 151 17.08 9.85 22.57
C ASN B 151 18.41 9.35 22.04
N GLY B 152 19.04 10.13 21.18
CA GLY B 152 20.35 9.80 20.65
C GLY B 152 20.39 8.89 19.43
N GLY B 153 19.23 8.62 18.84
CA GLY B 153 19.10 7.78 17.65
C GLY B 153 19.54 6.34 17.83
N TRP B 154 19.65 5.58 16.72
CA TRP B 154 20.11 4.19 16.76
C TRP B 154 21.51 4.02 17.35
N ASP B 155 22.36 5.07 17.28
CA ASP B 155 23.71 5.00 17.88
C ASP B 155 23.65 4.80 19.39
N ALA B 156 22.71 5.47 20.06
CA ALA B 156 22.46 5.34 21.52
C ALA B 156 21.91 3.95 21.83
N PHE B 157 21.05 3.38 20.93
CA PHE B 157 20.55 2.01 21.10
C PHE B 157 21.77 1.06 21.09
N VAL B 158 22.69 1.28 20.14
CA VAL B 158 23.93 0.48 20.07
C VAL B 158 24.84 0.78 21.29
N GLU B 159 24.97 2.07 21.70
CA GLU B 159 25.81 2.39 22.90
C GLU B 159 25.30 1.61 24.13
N LEU B 160 23.97 1.60 24.32
CA LEU B 160 23.29 0.90 25.41
C LEU B 160 23.31 -0.63 25.29
N TYR B 161 22.90 -1.18 24.13
CA TYR B 161 22.68 -2.62 24.04
C TYR B 161 23.64 -3.40 23.14
N GLY B 162 24.52 -2.70 22.41
CA GLY B 162 25.47 -3.33 21.51
C GLY B 162 26.79 -3.73 22.16
N PRO B 163 27.77 -4.19 21.35
CA PRO B 163 29.09 -4.59 21.92
C PRO B 163 29.91 -3.39 22.40
C1 1Y1 C . -4.96 -1.30 -22.44
C2 1Y1 C . -6.19 -1.02 -21.92
C3 1Y1 C . -9.63 -1.35 -22.22
C4 1Y1 C . -8.63 0.47 -21.08
C5 1Y1 C . -7.44 7.22 -27.02
C6 1Y1 C . -14.03 8.51 -27.61
CL6 1Y1 C . -12.28 0.05 -19.61
C7 1Y1 C . -7.38 5.93 -26.53
C8 1Y1 C . -13.51 12.14 -27.64
C9 1Y1 C . -4.78 -1.32 -23.80
C10 1Y1 C . -12.96 7.93 -28.26
C11 1Y1 C . -12.58 11.71 -28.55
C12 1Y1 C . -10.79 -1.17 -21.52
C13 1Y1 C . -9.79 0.63 -20.36
C14 1Y1 C . -12.69 9.42 -24.41
C15 1Y1 C . -11.53 8.21 -26.33
C16 1Y1 C . -9.59 5.54 -27.25
C17 1Y1 C . -10.86 11.90 -26.91
C18 1Y1 C . -13.97 9.91 -24.30
C19 1Y1 C . -12.58 8.82 -25.69
C20 1Y1 C . -8.53 -0.54 -22.01
C21 1Y1 C . -7.28 -0.77 -22.72
C22 1Y1 C . -8.56 7.70 -27.67
C23 1Y1 C . -7.13 -0.81 -24.11
C24 1Y1 C . -13.80 8.97 -26.33
C25 1Y1 C . -8.46 5.04 -26.63
C26 1Y1 C . -13.15 12.47 -26.35
C27 1Y1 C . -11.82 12.33 -25.99
C28 1Y1 C . -11.76 7.78 -27.61
C29 1Y1 C . -5.87 -1.09 -24.63
C30 1Y1 C . -9.63 6.82 -27.76
C31 1Y1 C . -11.26 11.58 -28.18
C32 1Y1 C . -10.87 -0.19 -20.56
C33 1Y1 C . -8.63 9.12 -28.16
C34 1Y1 C . -17.80 13.53 -25.21
C35 1Y1 C . -16.06 14.57 -23.79
C36 1Y1 C . -7.39 3.32 -25.28
C37 1Y1 C . -8.95 2.69 -27.09
C38 1Y1 C . -7.67 1.98 -24.62
C39 1Y1 C . -9.27 1.37 -26.40
C40 1Y1 C . -18.72 13.56 -24.00
C41 1Y1 C . -17.08 14.70 -22.68
C42 1Y1 C . -16.38 13.41 -24.71
C43 1Y1 C . -4.96 -1.36 -30.20
C44 1Y1 C . -3.45 -0.66 -28.42
C45 1Y1 C . -8.25 -0.46 -25.05
C46 1Y1 C . -15.42 13.42 -25.89
C47 1Y1 C . -5.43 -2.27 -27.98
C48 1Y1 C . -5.08 -2.25 -26.52
N49 1Y1 C . -14.63 9.61 -25.46
N50 1Y1 C . -8.51 3.70 -26.12
N51 1Y1 C . -8.09 0.94 -25.61
N52 1Y1 C . -14.13 12.90 -25.41
N53 1Y1 C . -9.60 9.41 -29.13
N54 1Y1 C . -4.40 -1.71 -28.89
N55 1Y1 C . -11.34 12.63 -24.65
O56 1Y1 C . -10.14 12.49 -24.40
O57 1Y1 C . -7.98 10.04 -27.67
O58 1Y1 C . -12.13 13.00 -23.76
O59 1Y1 C . -8.93 11.87 -29.25
O60 1Y1 C . -10.84 10.98 -30.68
O61 1Y1 C . -18.39 14.74 -23.23
O62 1Y1 C . -10.81 7.16 -28.38
O63 1Y1 C . -5.72 -1.08 -26.01
S64 1Y1 C . -10.10 11.04 -29.43
H1 1Y1 C . -4.12 -1.51 -21.78
H2 1Y1 C . -6.31 -1.01 -20.85
H3 1Y1 C . -9.57 -2.16 -22.94
H4 1Y1 C . -7.80 1.12 -20.91
H5 1Y1 C . -6.58 7.87 -26.92
H6 1Y1 C . -14.99 8.65 -28.10
H7 1Y1 C . -6.46 5.63 -26.04
H8 1Y1 C . -14.54 12.23 -27.98
H9 1Y1 C . -3.80 -1.54 -24.20
H10 1Y1 C . -13.08 7.58 -29.27
H11 1Y1 C . -12.91 11.47 -29.55
H12 1Y1 C . -11.63 -1.84 -21.68
H13 1Y1 C . -9.86 1.41 -19.61
H14 1Y1 C . -11.91 9.51 -23.68
H15 1Y1 C . -10.58 8.08 -25.82
H16 1Y1 C . -10.46 4.92 -27.35
H17 1Y1 C . -9.82 11.80 -26.64
H18 1Y1 C . -14.45 10.46 -23.51
H42 1Y1 C . -16.26 12.48 -24.16
C1 1Y1 D . 1.21 -5.33 22.37
C2 1Y1 D . 2.09 -6.24 21.83
C3 1Y1 D . 3.63 -9.32 22.06
C4 1Y1 D . 4.70 -7.49 21.01
C5 1Y1 D . 9.73 -3.07 27.06
C6 1Y1 D . 14.33 -7.97 27.67
CL6 1Y1 D . 6.27 -10.81 19.49
C7 1Y1 D . 8.60 -3.71 26.53
C8 1Y1 D . 17.14 -5.60 27.72
C9 1Y1 D . 1.10 -5.21 23.73
C10 1Y1 D . 13.26 -7.38 28.31
C11 1Y1 D . 16.25 -5.07 28.62
C12 1Y1 D . 4.41 -10.20 21.35
C13 1Y1 D . 5.47 -8.38 20.29
C14 1Y1 D . 14.40 -6.33 24.47
C15 1Y1 D . 12.74 -6.00 26.38
C16 1Y1 D . 9.44 -5.78 27.26
C17 1Y1 D . 15.52 -3.49 27.00
C18 1Y1 D . 15.48 -7.18 24.37
C19 1Y1 D . 13.83 -6.56 25.74
C20 1Y1 D . 3.76 -7.95 21.90
C21 1Y1 D . 2.89 -7.04 22.62
C22 1Y1 D . 10.71 -3.77 27.72
C23 1Y1 D . 2.76 -6.94 24.00
C24 1Y1 D . 14.59 -7.52 26.39
C25 1Y1 D . 8.42 -5.08 26.62
C26 1Y1 D . 17.25 -5.10 26.43
C27 1Y1 D . 16.41 -4.05 26.09
C28 1Y1 D . 12.50 -6.44 27.67
C29 1Y1 D . 1.86 -6.02 24.54
C30 1Y1 D . 10.55 -5.14 27.79
C31 1Y1 D . 15.45 -4.02 28.27
C32 1Y1 D . 5.32 -9.73 20.44
C33 1Y1 D . 11.93 -3.07 28.23
C34 1Y1 D . 20.62 -8.57 25.22
C35 1Y1 D . 20.55 -6.49 23.89
C36 1Y1 D . 6.40 -5.04 25.26
C37 1Y1 D . 6.69 -6.73 27.03
C38 1Y1 D . 5.44 -5.97 24.54
C39 1Y1 D . 5.74 -7.68 26.31
C40 1Y1 D . 21.14 -9.28 23.99
C41 1Y1 D . 21.23 -7.24 22.75
C42 1Y1 D . 19.73 -7.43 24.74
C43 1Y1 D . 0.38 -5.86 30.26
C44 1Y1 D . 1.35 -4.12 28.90
C45 1Y1 D . 3.65 -7.71 24.95
C46 1Y1 D . 19.09 -6.71 25.93
C47 1Y1 D . 0.65 -6.35 27.90
C48 1Y1 D . 0.48 -5.89 26.46
N49 1Y1 D . 15.59 -7.89 25.53
N50 1Y1 D . 7.32 -5.82 26.07
N51 1Y1 D . 4.76 -6.86 25.54
N52 1Y1 D . 18.17 -5.66 25.51
N53 1Y1 D . 12.70 -3.75 29.20
N54 1Y1 D . 0.44 -5.27 28.90
N55 1Y1 D . 16.43 -3.46 24.76
O56 1Y1 D . 15.74 -2.46 24.57
O57 1Y1 D . 12.37 -2.02 27.76
O58 1Y1 D . 17.11 -3.93 23.86
O59 1Y1 D . 14.46 -1.90 29.40
O60 1Y1 D . 14.66 -4.04 30.75
O61 1Y1 D . 21.96 -8.36 23.25
O62 1Y1 D . 11.47 -5.96 28.42
O63 1Y1 D . 1.80 -5.91 25.93
S64 1Y1 D . 14.35 -3.34 29.52
H1 1Y1 D . 0.59 -4.73 21.72
H2 1Y1 D . 2.17 -6.32 20.76
H3 1Y1 D . 2.89 -9.70 22.76
H4 1Y1 D . 4.84 -6.43 20.87
H5 1Y1 D . 9.81 -1.99 26.96
H6 1Y1 D . 14.94 -8.72 28.16
H7 1Y1 D . 7.87 -3.08 26.05
H8 1Y1 D . 17.75 -6.42 28.06
H9 1Y1 D . 0.39 -4.49 24.13
H10 1Y1 D . 13.01 -7.70 29.31
H11 1Y1 D . 16.22 -5.50 29.62
H12 1Y1 D . 4.26 -11.26 21.48
H13 1Y1 D . 6.20 -8.02 19.58
H14 1Y1 D . 14.05 -5.65 23.72
H15 1Y1 D . 12.15 -5.25 25.89
H16 1Y1 D . 9.38 -6.85 27.33
H17 1Y1 D . 14.88 -2.66 26.74
H18 1Y1 D . 16.20 -7.33 23.57
HN49 1Y1 D . 16.30 -8.56 25.74
HN52 1Y1 D . 17.74 -5.81 24.60
#